data_1CFB
#
_entry.id   1CFB
#
_cell.length_a   241.800
_cell.length_b   241.800
_cell.length_c   241.800
_cell.angle_alpha   90.00
_cell.angle_beta   90.00
_cell.angle_gamma   90.00
#
_symmetry.space_group_name_H-M   'F 4 3 2'
#
loop_
_entity.id
_entity.type
_entity.pdbx_description
1 polymer 'DROSOPHILA NEUROGLIAN'
2 branched 2-acetamido-2-deoxy-beta-D-glucopyranose-(1-4)-2-acetamido-2-deoxy-beta-D-glucopyranose
3 non-polymer 2-acetamido-2-deoxy-beta-D-glucopyranose
4 non-polymer 'SULFATE ION'
5 non-polymer 'SODIUM ION'
6 water water
#
_entity_poly.entity_id   1
_entity_poly.type   'polypeptide(L)'
_entity_poly.pdbx_seq_one_letter_code
;IVQDVPNAPKLTGITCQADKAEIHWEQQGDNRSPILHYTIQFNTSFTPASWDAAYEKVPNTDSSFVVQMSPWANYTFRVI
AFNKIGASPPSAHSDSCTTQPDVPFKNPDNVVGQGTEPNNLVISWTPMPEIEHNAPNFHYYVSWKRDIPAAAWENNNIFD
WRQNNIVIADQPTFVKYLIKVVAINDRGESNVAAEEVVGYSGEDR
;
_entity_poly.pdbx_strand_id   A
#
# COMPACT_ATOMS: atom_id res chain seq x y z
N ILE A 1 10.71 -43.24 6.89
CA ILE A 1 11.66 -42.08 6.91
C ILE A 1 11.18 -41.05 7.98
N VAL A 2 12.10 -40.43 8.72
CA VAL A 2 11.73 -39.43 9.74
C VAL A 2 11.73 -38.06 9.05
N GLN A 3 10.60 -37.37 9.15
CA GLN A 3 10.45 -36.10 8.46
C GLN A 3 10.40 -34.90 9.39
N ASP A 4 10.72 -33.75 8.80
CA ASP A 4 10.63 -32.49 9.53
C ASP A 4 10.42 -31.39 8.53
N VAL A 5 10.13 -30.17 9.02
CA VAL A 5 9.95 -29.01 8.16
C VAL A 5 11.30 -28.80 7.45
N PRO A 6 11.34 -28.02 6.35
CA PRO A 6 12.64 -27.87 5.69
C PRO A 6 13.60 -26.98 6.47
N ASN A 7 14.85 -27.02 6.03
CA ASN A 7 15.92 -26.17 6.60
C ASN A 7 15.70 -24.78 5.96
N ALA A 8 16.20 -23.72 6.58
CA ALA A 8 16.03 -22.38 6.00
C ALA A 8 16.78 -22.29 4.67
N PRO A 9 16.14 -21.75 3.64
CA PRO A 9 16.83 -21.62 2.35
C PRO A 9 17.98 -20.60 2.55
N LYS A 10 18.97 -20.61 1.67
CA LYS A 10 20.07 -19.64 1.75
C LYS A 10 19.78 -18.57 0.69
N LEU A 11 19.68 -17.30 1.08
CA LEU A 11 19.44 -16.22 0.11
C LEU A 11 20.81 -15.95 -0.51
N THR A 12 20.99 -16.18 -1.81
CA THR A 12 22.30 -16.04 -2.39
C THR A 12 22.63 -14.68 -3.03
N GLY A 13 21.60 -13.95 -3.42
CA GLY A 13 21.87 -12.66 -4.04
C GLY A 13 20.61 -11.98 -4.49
N ILE A 14 20.75 -10.75 -4.94
CA ILE A 14 19.59 -10.00 -5.36
C ILE A 14 20.02 -9.00 -6.42
N THR A 15 19.09 -8.65 -7.28
CA THR A 15 19.31 -7.64 -8.30
C THR A 15 18.22 -6.58 -8.03
N CYS A 16 18.62 -5.33 -7.90
CA CYS A 16 17.67 -4.25 -7.65
C CYS A 16 17.49 -3.37 -8.89
N GLN A 17 16.34 -3.49 -9.54
CA GLN A 17 16.07 -2.64 -10.69
C GLN A 17 15.23 -1.43 -10.24
N ALA A 18 14.89 -0.58 -11.18
CA ALA A 18 14.14 0.63 -10.82
C ALA A 18 12.77 0.40 -10.19
N ASP A 19 12.05 -0.64 -10.62
CA ASP A 19 10.73 -0.90 -10.07
C ASP A 19 10.49 -2.35 -9.70
N LYS A 20 11.56 -3.13 -9.67
CA LYS A 20 11.46 -4.55 -9.32
C LYS A 20 12.79 -5.12 -8.85
N ALA A 21 12.69 -6.19 -8.06
CA ALA A 21 13.87 -6.86 -7.55
C ALA A 21 13.82 -8.34 -7.93
N GLU A 22 14.98 -8.94 -8.23
CA GLU A 22 14.99 -10.39 -8.48
C GLU A 22 15.78 -10.97 -7.33
N ILE A 23 15.12 -11.80 -6.52
CA ILE A 23 15.74 -12.42 -5.35
C ILE A 23 16.16 -13.85 -5.76
N HIS A 24 17.32 -14.28 -5.29
CA HIS A 24 17.87 -15.60 -5.67
C HIS A 24 18.13 -16.39 -4.42
N TRP A 25 17.83 -17.68 -4.43
CA TRP A 25 18.06 -18.50 -3.25
C TRP A 25 18.40 -19.96 -3.64
N GLU A 26 18.93 -20.69 -2.67
CA GLU A 26 19.24 -22.12 -2.80
C GLU A 26 18.64 -22.87 -1.62
N GLN A 27 17.74 -23.81 -1.88
CA GLN A 27 17.15 -24.61 -0.79
C GLN A 27 18.29 -25.35 -0.12
N GLN A 28 18.16 -25.62 1.18
CA GLN A 28 19.20 -26.27 1.95
C GLN A 28 18.81 -27.63 2.60
N GLY A 29 17.90 -28.35 1.96
CA GLY A 29 17.47 -29.63 2.51
C GLY A 29 16.00 -29.58 2.87
N ASP A 30 15.27 -30.65 2.53
CA ASP A 30 13.84 -30.73 2.76
C ASP A 30 13.45 -31.63 3.94
N ASN A 31 14.47 -32.16 4.61
CA ASN A 31 14.34 -33.06 5.76
C ASN A 31 13.33 -34.20 5.50
N ARG A 32 13.43 -34.77 4.29
CA ARG A 32 12.63 -35.93 3.86
C ARG A 32 11.16 -35.75 3.49
N SER A 33 10.72 -34.51 3.34
CA SER A 33 9.34 -34.25 2.93
C SER A 33 9.57 -33.18 1.85
N PRO A 34 9.32 -33.53 0.57
CA PRO A 34 9.53 -32.59 -0.54
C PRO A 34 8.97 -31.18 -0.37
N ILE A 35 9.82 -30.22 -0.69
CA ILE A 35 9.41 -28.80 -0.66
C ILE A 35 8.28 -28.60 -1.67
N LEU A 36 7.18 -28.04 -1.20
CA LEU A 36 6.01 -27.79 -2.02
C LEU A 36 5.98 -26.39 -2.67
N HIS A 37 6.51 -25.39 -1.96
CA HIS A 37 6.51 -24.01 -2.49
C HIS A 37 7.30 -23.15 -1.52
N TYR A 38 7.56 -21.90 -1.94
CA TYR A 38 8.27 -20.94 -1.10
C TYR A 38 7.42 -19.66 -0.96
N THR A 39 7.68 -18.92 0.10
CA THR A 39 7.08 -17.61 0.28
C THR A 39 8.23 -16.60 0.27
N ILE A 40 8.09 -15.50 -0.45
CA ILE A 40 9.11 -14.44 -0.38
C ILE A 40 8.44 -13.33 0.49
N GLN A 41 9.09 -12.96 1.60
CA GLN A 41 8.56 -11.92 2.48
C GLN A 41 9.44 -10.67 2.33
N PHE A 42 8.89 -9.52 2.70
CA PHE A 42 9.64 -8.26 2.62
C PHE A 42 9.25 -7.32 3.77
N ASN A 43 10.21 -6.49 4.17
CA ASN A 43 9.90 -5.44 5.13
C ASN A 43 10.48 -4.14 4.54
N THR A 44 10.00 -3.00 5.03
CA THR A 44 10.48 -1.70 4.54
C THR A 44 10.95 -0.85 5.75
N SER A 45 11.62 0.28 5.46
CA SER A 45 12.07 1.15 6.57
C SER A 45 10.89 1.85 7.25
N PHE A 46 9.73 1.86 6.60
CA PHE A 46 8.55 2.53 7.19
C PHE A 46 8.05 1.68 8.32
N THR A 47 7.99 0.37 8.10
CA THR A 47 7.48 -0.56 9.11
C THR A 47 8.46 -1.76 9.21
N PRO A 48 9.70 -1.51 9.65
CA PRO A 48 10.73 -2.56 9.75
C PRO A 48 10.44 -3.83 10.55
N ALA A 49 9.58 -3.72 11.56
CA ALA A 49 9.23 -4.88 12.35
C ALA A 49 8.17 -5.73 11.68
N SER A 50 7.58 -5.27 10.59
CA SER A 50 6.55 -6.06 9.91
C SER A 50 7.06 -6.77 8.65
N TRP A 51 6.90 -8.08 8.60
CA TRP A 51 7.32 -8.85 7.43
C TRP A 51 6.04 -9.25 6.75
N ASP A 52 5.87 -8.82 5.52
CA ASP A 52 4.67 -9.10 4.76
C ASP A 52 4.99 -9.94 3.54
N ALA A 53 3.99 -10.61 2.97
CA ALA A 53 4.24 -11.46 1.82
C ALA A 53 4.41 -10.69 0.53
N ALA A 54 5.54 -10.87 -0.13
CA ALA A 54 5.76 -10.26 -1.44
C ALA A 54 5.11 -11.23 -2.44
N TYR A 55 5.23 -12.54 -2.18
CA TYR A 55 4.60 -13.55 -3.01
C TYR A 55 4.53 -14.86 -2.24
N GLU A 56 3.36 -15.49 -2.22
CA GLU A 56 3.18 -16.77 -1.54
C GLU A 56 3.02 -17.91 -2.57
N LYS A 57 3.36 -19.11 -2.16
CA LYS A 57 3.28 -20.27 -3.02
C LYS A 57 4.05 -20.17 -4.34
N VAL A 58 5.28 -19.66 -4.23
CA VAL A 58 6.23 -19.56 -5.33
C VAL A 58 6.55 -21.02 -5.64
N PRO A 59 6.52 -21.43 -6.94
CA PRO A 59 6.82 -22.83 -7.29
C PRO A 59 8.11 -23.42 -6.67
N ASN A 60 8.04 -24.68 -6.25
CA ASN A 60 9.18 -25.38 -5.65
C ASN A 60 10.32 -25.55 -6.65
N THR A 61 10.02 -25.34 -7.93
CA THR A 61 11.04 -25.45 -8.95
C THR A 61 11.79 -24.12 -9.21
N ASP A 62 11.32 -23.03 -8.63
CA ASP A 62 12.01 -21.74 -8.82
C ASP A 62 13.18 -21.59 -7.82
N SER A 63 14.27 -20.96 -8.26
CA SER A 63 15.40 -20.68 -7.38
C SER A 63 15.64 -19.14 -7.45
N SER A 64 14.76 -18.44 -8.16
CA SER A 64 14.74 -16.98 -8.24
C SER A 64 13.32 -16.50 -8.60
N PHE A 65 13.00 -15.26 -8.22
CA PHE A 65 11.69 -14.71 -8.48
C PHE A 65 11.76 -13.18 -8.54
N VAL A 66 10.97 -12.58 -9.43
CA VAL A 66 10.93 -11.15 -9.60
C VAL A 66 9.73 -10.58 -8.86
N VAL A 67 10.00 -9.61 -7.99
CA VAL A 67 8.95 -8.97 -7.21
C VAL A 67 8.91 -7.47 -7.50
N GLN A 68 7.71 -6.92 -7.60
CA GLN A 68 7.58 -5.49 -7.90
C GLN A 68 7.89 -4.65 -6.67
N MET A 69 8.48 -3.48 -6.86
CA MET A 69 8.79 -2.60 -5.73
C MET A 69 8.14 -1.24 -6.02
N SER A 70 7.54 -0.66 -4.99
CA SER A 70 6.88 0.66 -5.11
C SER A 70 7.89 1.84 -4.99
N PRO A 71 7.60 3.01 -5.60
CA PRO A 71 8.53 4.15 -5.48
C PRO A 71 8.73 4.65 -4.03
N TRP A 72 9.87 5.26 -3.79
CA TRP A 72 10.27 5.82 -2.48
C TRP A 72 10.17 4.82 -1.34
N ALA A 73 11.09 3.85 -1.33
CA ALA A 73 11.11 2.85 -0.30
C ALA A 73 12.45 2.14 -0.27
N ASN A 74 12.75 1.55 0.88
CA ASN A 74 13.93 0.68 1.00
C ASN A 74 13.26 -0.66 1.29
N TYR A 75 13.75 -1.73 0.67
CA TYR A 75 13.18 -3.05 0.86
C TYR A 75 14.27 -4.08 1.16
N THR A 76 14.00 -4.99 2.08
CA THR A 76 14.88 -6.14 2.28
C THR A 76 13.91 -7.35 2.20
N PHE A 77 14.39 -8.47 1.68
CA PHE A 77 13.58 -9.66 1.47
C PHE A 77 14.16 -10.89 2.16
N ARG A 78 13.34 -11.90 2.40
CA ARG A 78 13.80 -13.18 2.97
C ARG A 78 12.90 -14.29 2.39
N VAL A 79 13.38 -15.54 2.44
CA VAL A 79 12.63 -16.67 1.87
C VAL A 79 12.39 -17.79 2.86
N ILE A 80 11.17 -18.35 2.82
CA ILE A 80 10.75 -19.45 3.68
C ILE A 80 10.36 -20.63 2.78
N ALA A 81 10.82 -21.83 3.13
CA ALA A 81 10.49 -23.07 2.37
C ALA A 81 9.40 -23.82 3.13
N PHE A 82 8.43 -24.37 2.41
CA PHE A 82 7.35 -25.15 3.02
C PHE A 82 7.30 -26.58 2.48
N ASN A 83 7.05 -27.54 3.36
CA ASN A 83 6.82 -28.92 2.92
C ASN A 83 5.55 -29.33 3.67
N LYS A 84 5.09 -30.58 3.50
CA LYS A 84 3.88 -31.00 4.17
C LYS A 84 3.96 -30.89 5.71
N ILE A 85 5.17 -30.96 6.26
CA ILE A 85 5.29 -30.86 7.72
C ILE A 85 5.06 -29.41 8.17
N GLY A 86 5.53 -28.45 7.36
CA GLY A 86 5.34 -27.05 7.69
C GLY A 86 6.40 -26.11 7.16
N ALA A 87 6.48 -24.93 7.78
CA ALA A 87 7.44 -23.93 7.33
C ALA A 87 8.81 -24.04 7.97
N SER A 88 9.82 -23.78 7.15
CA SER A 88 11.19 -23.72 7.66
C SER A 88 11.39 -22.35 8.32
N PRO A 89 12.52 -22.18 9.03
CA PRO A 89 12.80 -20.88 9.64
C PRO A 89 13.10 -20.00 8.39
N PRO A 90 12.97 -18.68 8.48
CA PRO A 90 13.26 -17.85 7.30
C PRO A 90 14.75 -17.76 6.97
N SER A 91 15.08 -17.51 5.72
CA SER A 91 16.47 -17.32 5.34
C SER A 91 16.94 -15.98 5.97
N ALA A 92 18.23 -15.70 5.94
CA ALA A 92 18.71 -14.40 6.43
C ALA A 92 18.15 -13.37 5.43
N HIS A 93 17.89 -12.14 5.84
CA HIS A 93 17.36 -11.16 4.88
C HIS A 93 18.40 -10.69 3.88
N SER A 94 17.94 -10.24 2.71
CA SER A 94 18.82 -9.80 1.64
C SER A 94 19.39 -8.40 1.92
N ASP A 95 20.29 -7.97 1.04
CA ASP A 95 20.84 -6.63 1.09
C ASP A 95 19.61 -5.78 0.70
N SER A 96 19.62 -4.50 0.99
CA SER A 96 18.43 -3.69 0.63
C SER A 96 18.44 -3.12 -0.77
N CYS A 97 17.25 -2.84 -1.31
CA CYS A 97 17.07 -2.16 -2.59
C CYS A 97 16.38 -0.85 -2.18
N THR A 98 16.72 0.23 -2.87
CA THR A 98 16.12 1.54 -2.60
C THR A 98 15.47 1.96 -3.90
N THR A 99 14.23 2.43 -3.85
CA THR A 99 13.61 2.87 -5.07
C THR A 99 13.54 4.41 -5.04
N GLN A 100 13.53 5.00 -6.21
CA GLN A 100 13.45 6.45 -6.40
C GLN A 100 12.01 6.96 -6.27
N PRO A 101 11.82 8.26 -6.01
CA PRO A 101 10.47 8.86 -5.87
C PRO A 101 9.71 8.92 -7.19
N ASP A 102 8.39 9.02 -7.11
CA ASP A 102 7.53 9.19 -8.29
C ASP A 102 6.20 9.76 -7.73
N VAL A 103 5.26 10.12 -8.59
CA VAL A 103 3.97 10.60 -8.10
C VAL A 103 3.22 9.40 -7.45
N PRO A 104 2.19 9.68 -6.63
CA PRO A 104 1.45 8.58 -6.03
C PRO A 104 0.80 7.83 -7.20
N PHE A 105 0.56 6.53 -7.02
CA PHE A 105 -0.04 5.71 -8.09
C PHE A 105 -1.53 5.45 -7.85
N LYS A 106 -2.09 6.01 -6.77
CA LYS A 106 -3.52 5.86 -6.52
C LYS A 106 -3.94 7.03 -5.62
N ASN A 107 -5.26 7.16 -5.47
CA ASN A 107 -5.88 8.14 -4.59
C ASN A 107 -6.56 7.32 -3.51
N PRO A 108 -6.95 7.96 -2.39
CA PRO A 108 -7.59 7.20 -1.33
C PRO A 108 -8.89 6.48 -1.69
N ASP A 109 -9.06 5.28 -1.12
CA ASP A 109 -10.25 4.47 -1.32
C ASP A 109 -11.34 4.98 -0.36
N ASN A 110 -12.55 4.47 -0.59
CA ASN A 110 -13.72 4.74 0.23
C ASN A 110 -14.07 6.18 0.57
N VAL A 111 -14.02 7.04 -0.43
CA VAL A 111 -14.39 8.43 -0.23
C VAL A 111 -15.90 8.53 0.03
N VAL A 112 -16.28 9.12 1.16
CA VAL A 112 -17.69 9.30 1.48
C VAL A 112 -17.91 10.75 1.93
N GLY A 113 -18.99 11.34 1.46
CA GLY A 113 -19.38 12.68 1.88
C GLY A 113 -20.77 12.54 2.54
N GLN A 114 -20.85 12.76 3.85
CA GLN A 114 -22.13 12.64 4.53
C GLN A 114 -22.14 13.41 5.83
N GLY A 115 -23.21 14.16 6.08
CA GLY A 115 -23.28 14.88 7.34
C GLY A 115 -23.48 13.95 8.55
N THR A 116 -23.01 14.38 9.71
CA THR A 116 -23.22 13.61 10.94
C THR A 116 -24.31 14.33 11.75
N GLU A 117 -24.56 15.59 11.41
CA GLU A 117 -25.60 16.40 12.05
C GLU A 117 -26.30 17.18 10.90
N PRO A 118 -27.51 17.74 11.14
CA PRO A 118 -28.23 18.46 10.08
C PRO A 118 -27.49 19.44 9.17
N ASN A 119 -26.63 20.26 9.73
CA ASN A 119 -25.94 21.26 8.92
C ASN A 119 -24.46 21.08 8.67
N ASN A 120 -23.99 19.85 8.66
CA ASN A 120 -22.59 19.67 8.33
C ASN A 120 -22.46 18.60 7.24
N LEU A 121 -21.25 18.50 6.72
CA LEU A 121 -20.88 17.53 5.71
C LEU A 121 -19.49 17.00 6.12
N VAL A 122 -19.42 15.70 6.41
CA VAL A 122 -18.14 15.10 6.76
C VAL A 122 -17.61 14.31 5.58
N ILE A 123 -16.43 14.69 5.12
CA ILE A 123 -15.79 13.99 4.00
C ILE A 123 -14.78 13.04 4.64
N SER A 124 -14.89 11.74 4.36
CA SER A 124 -13.98 10.76 4.94
C SER A 124 -13.40 9.84 3.84
N TRP A 125 -12.26 9.22 4.14
CA TRP A 125 -11.58 8.33 3.18
C TRP A 125 -10.68 7.37 3.97
N THR A 126 -10.14 6.36 3.32
CA THR A 126 -9.24 5.45 4.02
C THR A 126 -7.79 5.99 3.86
N PRO A 127 -7.06 6.17 4.96
CA PRO A 127 -5.68 6.67 4.85
C PRO A 127 -4.80 5.71 4.01
N MET A 128 -3.87 6.29 3.27
CA MET A 128 -2.93 5.51 2.46
C MET A 128 -1.65 5.35 3.29
N PRO A 129 -1.20 4.11 3.50
CA PRO A 129 0.03 3.85 4.28
C PRO A 129 1.29 4.38 3.53
N GLU A 130 2.38 4.56 4.26
CA GLU A 130 3.61 5.13 3.71
C GLU A 130 4.18 4.48 2.46
N ILE A 131 4.03 3.17 2.31
CA ILE A 131 4.55 2.46 1.11
C ILE A 131 3.83 2.95 -0.15
N GLU A 132 2.67 3.57 0.00
CA GLU A 132 1.96 4.11 -1.15
C GLU A 132 2.22 5.62 -1.34
N HIS A 133 3.01 6.23 -0.46
CA HIS A 133 3.23 7.69 -0.56
C HIS A 133 4.03 8.11 -1.79
N ASN A 134 5.06 7.33 -2.08
CA ASN A 134 5.87 7.48 -3.29
C ASN A 134 6.86 8.64 -3.43
N ALA A 135 6.88 9.55 -2.47
CA ALA A 135 7.83 10.67 -2.41
C ALA A 135 7.62 11.44 -1.11
N PRO A 136 8.60 12.28 -0.71
CA PRO A 136 8.45 13.06 0.52
C PRO A 136 7.28 14.06 0.43
N ASN A 137 6.88 14.56 1.59
CA ASN A 137 5.81 15.55 1.75
C ASN A 137 4.46 15.13 1.14
N PHE A 138 4.14 13.85 1.32
CA PHE A 138 2.88 13.28 0.87
C PHE A 138 1.73 13.98 1.64
N HIS A 139 0.63 14.28 0.96
CA HIS A 139 -0.54 14.88 1.62
C HIS A 139 -1.77 14.58 0.79
N TYR A 140 -2.95 14.75 1.37
CA TYR A 140 -4.21 14.58 0.68
C TYR A 140 -4.66 16.01 0.31
N TYR A 141 -5.30 16.11 -0.84
CA TYR A 141 -5.86 17.38 -1.33
C TYR A 141 -7.35 17.07 -1.51
N VAL A 142 -8.17 17.62 -0.62
CA VAL A 142 -9.62 17.40 -0.62
C VAL A 142 -10.35 18.57 -1.23
N SER A 143 -11.25 18.30 -2.17
CA SER A 143 -11.99 19.37 -2.85
C SER A 143 -13.47 19.07 -2.82
N TRP A 144 -14.29 20.14 -2.72
CA TRP A 144 -15.74 19.94 -2.69
C TRP A 144 -16.45 21.18 -3.21
N LYS A 145 -17.65 20.96 -3.72
CA LYS A 145 -18.49 22.06 -4.21
C LYS A 145 -19.93 21.58 -4.30
N ARG A 146 -20.85 22.53 -4.11
CA ARG A 146 -22.28 22.25 -4.24
C ARG A 146 -22.48 21.92 -5.73
N ASP A 147 -23.44 21.06 -6.02
CA ASP A 147 -23.69 20.72 -7.41
C ASP A 147 -24.63 21.78 -8.01
N ILE A 148 -24.08 22.98 -8.20
CA ILE A 148 -24.78 24.15 -8.73
C ILE A 148 -23.93 24.63 -9.89
N PRO A 149 -24.58 25.06 -11.00
CA PRO A 149 -23.80 25.55 -12.15
C PRO A 149 -22.93 26.72 -11.71
N ALA A 150 -21.69 26.75 -12.19
CA ALA A 150 -20.76 27.83 -11.86
C ALA A 150 -20.15 27.82 -10.45
N ALA A 151 -20.54 26.84 -9.63
CA ALA A 151 -20.01 26.73 -8.26
C ALA A 151 -18.52 26.39 -8.35
N ALA A 152 -17.71 27.07 -7.55
CA ALA A 152 -16.26 26.81 -7.53
C ALA A 152 -15.85 25.78 -6.46
N TRP A 153 -14.83 24.98 -6.79
CA TRP A 153 -14.30 23.99 -5.85
C TRP A 153 -13.64 24.70 -4.68
N GLU A 154 -13.89 24.22 -3.46
CA GLU A 154 -13.21 24.72 -2.27
C GLU A 154 -12.20 23.61 -1.99
N ASN A 155 -10.98 23.95 -1.59
CA ASN A 155 -9.93 22.95 -1.39
C ASN A 155 -9.29 23.00 0.00
N ASN A 156 -8.69 21.87 0.42
CA ASN A 156 -8.07 21.76 1.74
C ASN A 156 -6.90 20.77 1.67
N ASN A 157 -5.71 21.18 2.14
CA ASN A 157 -4.52 20.33 2.17
C ASN A 157 -4.48 19.61 3.52
N ILE A 158 -4.27 18.30 3.51
CA ILE A 158 -4.25 17.56 4.77
C ILE A 158 -2.85 16.91 4.82
N PHE A 159 -1.95 17.51 5.60
CA PHE A 159 -0.56 17.01 5.66
C PHE A 159 -0.28 15.81 6.57
N ASP A 160 -1.28 15.45 7.38
CA ASP A 160 -1.20 14.30 8.27
C ASP A 160 -1.74 13.08 7.51
N TRP A 161 -0.86 12.19 7.04
CA TRP A 161 -1.31 11.01 6.28
C TRP A 161 -2.23 10.07 7.07
N ARG A 162 -2.21 10.14 8.41
CA ARG A 162 -3.09 9.29 9.22
C ARG A 162 -4.53 9.88 9.36
N GLN A 163 -4.71 11.17 9.05
CA GLN A 163 -6.04 11.79 9.16
C GLN A 163 -6.98 11.20 8.09
N ASN A 164 -8.22 10.89 8.49
CA ASN A 164 -9.16 10.25 7.56
C ASN A 164 -10.45 11.02 7.25
N ASN A 165 -10.51 12.29 7.67
CA ASN A 165 -11.68 13.09 7.40
C ASN A 165 -11.47 14.57 7.67
N ILE A 166 -12.42 15.34 7.15
CA ILE A 166 -12.52 16.77 7.44
C ILE A 166 -14.02 17.05 7.67
N VAL A 167 -14.32 17.96 8.59
CA VAL A 167 -15.70 18.36 8.96
C VAL A 167 -15.96 19.78 8.42
N ILE A 168 -16.99 19.89 7.60
CA ILE A 168 -17.37 21.18 6.97
C ILE A 168 -18.70 21.56 7.61
N ALA A 169 -18.76 22.76 8.16
CA ALA A 169 -19.99 23.13 8.84
C ALA A 169 -20.69 24.37 8.25
N ASP A 170 -21.77 24.77 8.90
CA ASP A 170 -22.59 25.90 8.48
C ASP A 170 -23.11 25.67 7.04
N GLN A 171 -23.54 24.43 6.77
CA GLN A 171 -24.07 24.05 5.46
C GLN A 171 -25.61 23.90 5.52
N PRO A 172 -26.27 24.04 4.38
CA PRO A 172 -27.74 23.89 4.29
C PRO A 172 -27.97 22.38 4.48
N THR A 173 -29.09 21.98 5.05
CA THR A 173 -29.31 20.54 5.21
C THR A 173 -29.79 19.88 3.92
N PHE A 174 -29.41 18.61 3.78
CA PHE A 174 -29.79 17.78 2.66
C PHE A 174 -29.59 18.37 1.27
N VAL A 175 -28.38 18.85 0.99
CA VAL A 175 -28.05 19.34 -0.36
C VAL A 175 -26.90 18.49 -0.89
N LYS A 176 -26.80 18.45 -2.20
CA LYS A 176 -25.81 17.65 -2.90
C LYS A 176 -24.47 18.36 -3.17
N TYR A 177 -23.38 17.59 -3.07
CA TYR A 177 -22.02 18.12 -3.30
C TYR A 177 -21.24 17.17 -4.19
N LEU A 178 -20.25 17.71 -4.89
CA LEU A 178 -19.37 16.89 -5.71
C LEU A 178 -18.04 16.95 -4.90
N ILE A 179 -17.42 15.79 -4.65
CA ILE A 179 -16.22 15.68 -3.84
C ILE A 179 -15.07 14.88 -4.48
N LYS A 180 -13.83 15.31 -4.25
CA LYS A 180 -12.62 14.62 -4.73
C LYS A 180 -11.58 14.56 -3.58
N VAL A 181 -10.85 13.43 -3.46
CA VAL A 181 -9.76 13.27 -2.49
C VAL A 181 -8.57 12.79 -3.36
N VAL A 182 -7.58 13.64 -3.49
CA VAL A 182 -6.42 13.32 -4.31
C VAL A 182 -5.15 13.18 -3.48
N ALA A 183 -4.31 12.20 -3.85
CA ALA A 183 -3.03 12.03 -3.19
C ALA A 183 -2.01 12.88 -3.98
N ILE A 184 -1.16 13.59 -3.24
CA ILE A 184 -0.12 14.45 -3.81
C ILE A 184 1.17 14.33 -2.99
N ASN A 185 2.32 14.35 -3.67
CA ASN A 185 3.62 14.34 -2.97
C ASN A 185 4.56 15.33 -3.72
N ASP A 186 5.84 15.38 -3.34
CA ASP A 186 6.79 16.28 -3.99
C ASP A 186 6.88 16.19 -5.49
N ARG A 187 6.62 15.00 -6.04
CA ARG A 187 6.71 14.81 -7.48
C ARG A 187 5.48 15.24 -8.25
N GLY A 188 4.38 15.46 -7.52
CA GLY A 188 3.15 15.90 -8.16
C GLY A 188 1.94 15.14 -7.68
N GLU A 189 0.79 15.41 -8.28
CA GLU A 189 -0.44 14.71 -7.89
C GLU A 189 -0.38 13.31 -8.53
N SER A 190 -1.23 12.41 -8.04
CA SER A 190 -1.27 11.06 -8.55
C SER A 190 -1.53 11.01 -10.07
N ASN A 191 -1.15 9.91 -10.69
CA ASN A 191 -1.35 9.73 -12.12
C ASN A 191 -2.68 9.06 -12.50
N VAL A 192 -3.61 9.00 -11.56
CA VAL A 192 -4.92 8.42 -11.82
C VAL A 192 -5.92 9.52 -11.43
N ALA A 193 -6.90 9.80 -12.29
CA ALA A 193 -7.88 10.84 -11.98
C ALA A 193 -8.78 10.37 -10.84
N ALA A 194 -8.99 11.22 -9.86
CA ALA A 194 -9.84 10.84 -8.73
C ALA A 194 -11.32 10.85 -9.16
N GLU A 195 -12.11 9.96 -8.58
CA GLU A 195 -13.53 9.88 -8.88
C GLU A 195 -14.25 11.06 -8.23
N GLU A 196 -15.16 11.70 -8.96
CA GLU A 196 -15.93 12.79 -8.36
C GLU A 196 -17.08 12.13 -7.62
N VAL A 197 -16.97 12.07 -6.30
CA VAL A 197 -17.96 11.42 -5.46
C VAL A 197 -19.13 12.33 -5.06
N VAL A 198 -20.34 11.77 -5.09
CA VAL A 198 -21.52 12.52 -4.71
C VAL A 198 -21.74 12.42 -3.20
N GLY A 199 -21.91 13.56 -2.54
CA GLY A 199 -22.13 13.54 -1.11
C GLY A 199 -23.33 14.39 -0.73
N TYR A 200 -23.80 14.23 0.50
CA TYR A 200 -24.95 14.98 1.03
C TYR A 200 -24.73 15.54 2.42
N SER A 201 -25.10 16.80 2.61
CA SER A 201 -25.03 17.38 3.96
C SER A 201 -26.18 16.74 4.72
N GLY A 202 -26.10 16.74 6.05
CA GLY A 202 -27.12 16.11 6.86
C GLY A 202 -26.91 14.59 6.85
N GLU A 203 -27.71 13.88 7.62
CA GLU A 203 -27.59 12.43 7.76
C GLU A 203 -28.32 11.54 6.78
N ASP A 204 -29.01 12.13 5.81
CA ASP A 204 -29.78 11.33 4.83
C ASP A 204 -29.33 11.52 3.38
N ARG A 205 -29.55 10.48 2.57
CA ARG A 205 -29.20 10.53 1.14
C ARG A 205 -30.49 10.42 0.34
#